data_5FD2
#
_entry.id   5FD2
#
_cell.length_a   73.790
_cell.length_b   80.088
_cell.length_c   245.253
_cell.angle_alpha   90.000
_cell.angle_beta   90.000
_cell.angle_gamma   90.000
#
_symmetry.space_group_name_H-M   'C 2 2 21'
#
loop_
_entity.id
_entity.type
_entity.pdbx_description
1 polymer 'Serine/threonine-protein kinase B-raf'
2 non-polymer 6-[2-[[3-(dimethylsulfamoylamino)-2,6-bis(fluoranyl)phenyl]amino]pyridin-3-yl]-7~{H}-purine
3 water water
#
_entity_poly.entity_id   1
_entity_poly.type   'polypeptide(L)'
_entity_poly.pdbx_seq_one_letter_code
;HHHHHHEDRNRMKTLGRRDSSDDWEIPDGQITVGQRIGSGSFGTVYKGKWHGDVAVKMLNVTAPTPQQLQAFKNEVGVLR
KTRHVNILLFMGYSTKPQLAIVTQWCEGSSLYHHLHIIETKFEMIKLIDIARQTAQGMDYLHAKSIIHRDLKSNNIFLHE
DLTVKIGDFGLATVKSRWSGSHQFEQLSGSILWMAPEVIRMQDKNPYSFQSDVYAFGIVLYELMTGQLPYSNINNRDQII
FMVGRGYLSPDLSKVRSNCPKAMKRLMAECLKKKRDERPLFPQILASIELLARSLPKIHR
;
_entity_poly.pdbx_strand_id   A,B
#
loop_
_chem_comp.id
_chem_comp.type
_chem_comp.name
_chem_comp.formula
5XJ non-polymer 6-[2-[[3-(dimethylsulfamoylamino)-2,6-bis(fluoranyl)phenyl]amino]pyridin-3-yl]-7~{H}-purine 'C18 H16 F2 N8 O2 S'
#
# COMPACT_ATOMS: atom_id res chain seq x y z
N ASP A 22 -18.01 30.13 4.62
CA ASP A 22 -19.02 29.11 4.21
C ASP A 22 -19.95 28.67 5.36
N ASP A 23 -21.26 28.74 5.10
CA ASP A 23 -22.23 28.56 6.16
C ASP A 23 -23.18 27.34 6.04
N TRP A 24 -22.66 26.29 6.67
CA TRP A 24 -23.42 25.22 7.22
C TRP A 24 -23.63 25.46 8.69
N GLU A 25 -23.67 26.73 9.11
CA GLU A 25 -23.89 27.05 10.51
C GLU A 25 -25.37 27.02 10.80
N ILE A 26 -25.76 26.23 11.80
CA ILE A 26 -27.15 26.12 12.23
C ILE A 26 -27.42 27.08 13.40
N PRO A 27 -28.29 28.10 13.19
CA PRO A 27 -28.71 29.00 14.27
C PRO A 27 -29.33 28.24 15.44
N ASP A 28 -28.89 28.56 16.66
CA ASP A 28 -29.45 27.86 17.83
C ASP A 28 -30.94 28.19 17.96
N GLY A 29 -31.68 27.20 18.47
CA GLY A 29 -33.11 27.31 18.60
C GLY A 29 -33.74 26.32 17.67
N GLN A 30 -33.14 26.16 16.49
CA GLN A 30 -33.61 25.20 15.50
C GLN A 30 -33.47 23.74 15.93
N ILE A 31 -32.41 23.43 16.67
CA ILE A 31 -32.11 22.06 17.06
C ILE A 31 -32.70 21.74 18.41
N THR A 32 -33.62 20.80 18.47
CA THR A 32 -34.04 20.26 19.75
C THR A 32 -33.09 19.11 20.11
N VAL A 33 -32.57 19.11 21.34
CA VAL A 33 -31.63 18.08 21.77
C VAL A 33 -32.29 17.02 22.66
N GLY A 34 -32.47 15.82 22.11
CA GLY A 34 -33.11 14.70 22.82
C GLY A 34 -32.17 13.89 23.71
N GLN A 35 -32.37 12.57 23.74
CA GLN A 35 -31.65 11.67 24.64
C GLN A 35 -30.16 11.55 24.28
N ARG A 36 -29.32 11.33 25.30
CA ARG A 36 -27.88 11.16 25.14
C ARG A 36 -27.56 9.73 24.74
N ILE A 37 -26.61 9.58 23.82
CA ILE A 37 -26.25 8.29 23.26
C ILE A 37 -24.81 7.86 23.53
N GLY A 38 -23.87 8.80 23.55
CA GLY A 38 -22.45 8.46 23.67
C GLY A 38 -21.56 9.57 24.20
N SER A 39 -21.06 9.38 25.42
CA SER A 39 -20.10 10.30 26.04
C SER A 39 -18.66 10.10 25.52
N GLY A 40 -17.70 10.74 26.17
CA GLY A 40 -16.28 10.66 25.82
C GLY A 40 -15.69 12.05 25.96
N SER A 41 -14.56 12.17 26.65
CA SER A 41 -13.92 13.48 26.89
C SER A 41 -14.02 14.41 25.68
N PHE A 42 -13.73 13.87 24.50
CA PHE A 42 -13.78 14.62 23.24
C PHE A 42 -15.10 15.37 23.01
N GLY A 43 -16.20 14.79 23.48
CA GLY A 43 -17.53 15.37 23.28
C GLY A 43 -18.64 14.39 23.61
N THR A 44 -19.87 14.90 23.76
CA THR A 44 -21.02 14.07 24.06
C THR A 44 -21.97 14.08 22.88
N VAL A 45 -22.53 12.92 22.54
CA VAL A 45 -23.39 12.77 21.36
C VAL A 45 -24.80 12.53 21.83
N TYR A 46 -25.76 13.23 21.23
CA TYR A 46 -27.20 13.03 21.50
C TYR A 46 -27.98 12.78 20.23
N LYS A 47 -29.16 12.18 20.35
CA LYS A 47 -30.13 12.15 19.25
C LYS A 47 -30.93 13.43 19.36
N GLY A 48 -31.06 14.16 18.25
CA GLY A 48 -31.80 15.41 18.26
C GLY A 48 -32.78 15.52 17.10
N LYS A 49 -33.39 16.69 16.98
CA LYS A 49 -34.26 16.98 15.85
C LYS A 49 -33.77 18.21 15.12
N TRP A 50 -33.54 18.06 13.82
CA TRP A 50 -33.29 19.20 12.95
C TRP A 50 -33.64 18.72 11.57
N HIS A 51 -34.76 19.17 11.04
CA HIS A 51 -35.27 18.68 9.77
C HIS A 51 -35.40 17.19 9.78
N GLY A 52 -35.84 16.67 10.92
CA GLY A 52 -35.90 15.24 11.17
C GLY A 52 -34.83 14.78 12.15
N ASP A 53 -34.69 13.46 12.25
CA ASP A 53 -33.71 12.87 13.14
C ASP A 53 -32.33 13.28 12.71
N VAL A 54 -31.48 13.52 13.70
CA VAL A 54 -30.08 13.91 13.50
C VAL A 54 -29.30 13.42 14.70
N ALA A 55 -27.98 13.37 14.56
CA ALA A 55 -27.10 13.16 15.72
C ALA A 55 -26.41 14.47 16.00
N VAL A 56 -26.42 14.91 17.25
CA VAL A 56 -25.72 16.14 17.61
C VAL A 56 -24.57 15.80 18.53
N LYS A 57 -23.36 16.16 18.13
CA LYS A 57 -22.20 15.94 18.98
C LYS A 57 -21.76 17.26 19.56
N MET A 58 -21.85 17.39 20.88
CA MET A 58 -21.50 18.61 21.58
C MET A 58 -20.07 18.44 22.04
N LEU A 59 -19.22 19.43 21.78
CA LEU A 59 -17.83 19.35 22.20
C LEU A 59 -17.72 19.81 23.65
N ASN A 60 -16.80 19.21 24.40
CA ASN A 60 -16.60 19.59 25.78
C ASN A 60 -15.73 20.83 25.98
N VAL A 61 -15.33 21.48 24.90
CA VAL A 61 -14.63 22.76 25.01
C VAL A 61 -15.53 23.78 25.69
N THR A 62 -15.15 24.23 26.89
CA THR A 62 -15.97 25.17 27.66
C THR A 62 -16.14 26.53 26.98
N ALA A 63 -15.04 27.28 26.89
CA ALA A 63 -15.08 28.65 26.36
C ALA A 63 -14.05 28.82 25.27
N PRO A 64 -14.37 28.40 24.04
CA PRO A 64 -13.37 28.55 22.99
C PRO A 64 -13.05 30.01 22.69
N THR A 65 -11.76 30.27 22.45
CA THR A 65 -11.29 31.59 22.02
C THR A 65 -11.52 31.73 20.51
N PRO A 66 -11.43 32.95 19.97
CA PRO A 66 -11.51 33.17 18.51
C PRO A 66 -10.63 32.24 17.66
N GLN A 67 -9.43 31.97 18.15
CA GLN A 67 -8.51 31.03 17.55
C GLN A 67 -9.06 29.60 17.61
N GLN A 68 -9.49 29.17 18.78
CA GLN A 68 -10.07 27.84 18.93
C GLN A 68 -11.30 27.69 18.03
N LEU A 69 -12.13 28.72 18.03
CA LEU A 69 -13.25 28.81 17.11
C LEU A 69 -12.80 28.68 15.64
N GLN A 70 -11.70 29.34 15.25
CA GLN A 70 -11.19 29.20 13.88
C GLN A 70 -10.67 27.81 13.59
N ALA A 71 -9.89 27.22 14.49
CA ALA A 71 -9.39 25.86 14.26
C ALA A 71 -10.58 24.94 13.99
N PHE A 72 -11.63 25.10 14.79
CA PHE A 72 -12.85 24.33 14.66
C PHE A 72 -13.48 24.47 13.28
N LYS A 73 -13.59 25.69 12.78
CA LYS A 73 -14.16 25.91 11.46
C LYS A 73 -13.29 25.37 10.33
N ASN A 74 -11.98 25.41 10.50
CA ASN A 74 -11.06 24.78 9.56
C ASN A 74 -11.28 23.27 9.52
N GLU A 75 -11.41 22.68 10.70
CA GLU A 75 -11.60 21.25 10.82
C GLU A 75 -12.94 20.85 10.24
N VAL A 76 -13.93 21.73 10.39
CA VAL A 76 -15.24 21.52 9.78
C VAL A 76 -15.05 21.63 8.27
N GLY A 77 -14.31 22.65 7.84
CA GLY A 77 -13.90 22.77 6.45
C GLY A 77 -13.54 21.42 5.85
N VAL A 78 -12.74 20.65 6.57
CA VAL A 78 -12.37 19.32 6.11
C VAL A 78 -13.54 18.34 6.08
N LEU A 79 -14.45 18.39 7.08
CA LEU A 79 -15.69 17.58 7.05
C LEU A 79 -16.56 17.83 5.83
N ARG A 80 -16.57 19.05 5.31
CA ARG A 80 -17.43 19.36 4.19
C ARG A 80 -16.84 18.86 2.88
N LYS A 81 -15.70 18.20 2.93
CA LYS A 81 -15.13 17.58 1.73
C LYS A 81 -15.69 16.18 1.47
N THR A 82 -16.73 15.76 2.18
CA THR A 82 -17.16 14.38 2.08
C THR A 82 -18.61 14.25 1.71
N ARG A 83 -18.89 13.43 0.72
CA ARG A 83 -20.23 13.17 0.25
C ARG A 83 -20.18 11.75 -0.32
N HIS A 84 -20.55 10.77 0.50
CA HIS A 84 -20.52 9.36 0.10
C HIS A 84 -21.41 8.56 0.99
N VAL A 85 -22.05 7.52 0.47
CA VAL A 85 -22.98 6.74 1.29
C VAL A 85 -22.30 6.01 2.42
N ASN A 86 -21.02 5.80 2.34
CA ASN A 86 -20.31 5.06 3.37
C ASN A 86 -19.66 5.98 4.37
N ILE A 87 -19.91 7.28 4.24
CA ILE A 87 -19.42 8.23 5.22
C ILE A 87 -20.60 8.93 5.87
N LEU A 88 -20.73 8.80 7.19
CA LEU A 88 -21.83 9.40 7.94
C LEU A 88 -21.99 10.87 7.52
N LEU A 89 -23.21 11.28 7.17
CA LEU A 89 -23.45 12.55 6.44
C LEU A 89 -23.39 13.80 7.30
N PHE A 90 -22.33 14.58 7.19
CA PHE A 90 -22.27 15.91 7.82
C PHE A 90 -23.45 16.72 7.37
N MET A 91 -24.16 17.34 8.30
CA MET A 91 -25.28 18.21 7.96
C MET A 91 -25.12 19.66 8.41
N GLY A 92 -24.38 19.89 9.50
CA GLY A 92 -24.15 21.26 9.94
C GLY A 92 -23.30 21.35 11.16
N TYR A 93 -23.17 22.56 11.69
CA TYR A 93 -22.47 22.79 12.94
C TYR A 93 -23.07 24.00 13.65
N SER A 94 -22.83 24.08 14.95
CA SER A 94 -23.29 25.21 15.76
C SER A 94 -22.13 25.79 16.55
N THR A 95 -22.24 27.06 16.87
CA THR A 95 -21.15 27.82 17.46
C THR A 95 -21.49 28.27 18.86
N LYS A 96 -22.77 28.47 19.09
CA LYS A 96 -23.30 28.97 20.35
C LYS A 96 -24.66 28.29 20.59
N PRO A 97 -24.95 27.92 21.84
CA PRO A 97 -24.18 28.14 23.05
C PRO A 97 -23.05 27.15 23.25
N GLN A 98 -22.95 26.14 22.40
CA GLN A 98 -21.90 25.15 22.50
C GLN A 98 -21.45 24.76 21.12
N LEU A 99 -20.16 24.47 20.96
CA LEU A 99 -19.64 23.91 19.69
C LEU A 99 -20.25 22.54 19.48
N ALA A 100 -20.87 22.32 18.30
CA ALA A 100 -21.46 21.04 17.98
C ALA A 100 -21.34 20.69 16.53
N ILE A 101 -21.26 19.39 16.25
CA ILE A 101 -21.37 18.86 14.87
C ILE A 101 -22.69 18.10 14.71
N VAL A 102 -23.45 18.44 13.68
CA VAL A 102 -24.73 17.76 13.40
C VAL A 102 -24.57 16.80 12.22
N THR A 103 -24.94 15.53 12.42
CA THR A 103 -24.89 14.58 11.31
C THR A 103 -26.21 13.84 11.15
N GLN A 104 -26.31 13.07 10.07
CA GLN A 104 -27.52 12.27 9.83
C GLN A 104 -27.73 11.27 10.96
N TRP A 105 -28.96 10.83 11.14
CA TRP A 105 -29.23 9.84 12.15
C TRP A 105 -29.39 8.47 11.56
N CYS A 106 -28.61 7.52 12.07
CA CYS A 106 -28.67 6.18 11.59
C CYS A 106 -29.39 5.32 12.59
N GLU A 107 -30.43 4.65 12.15
CA GLU A 107 -31.13 3.72 13.01
C GLU A 107 -30.34 2.42 12.96
N GLY A 108 -29.72 2.07 14.08
CA GLY A 108 -28.85 0.89 14.14
C GLY A 108 -27.83 0.96 15.25
N SER A 109 -26.85 0.08 15.18
CA SER A 109 -25.82 0.03 16.21
C SER A 109 -24.47 -0.04 15.52
N SER A 110 -23.43 0.27 16.28
CA SER A 110 -22.08 0.17 15.79
C SER A 110 -21.71 -1.27 15.52
N LEU A 111 -20.60 -1.46 14.84
CA LEU A 111 -20.06 -2.78 14.59
C LEU A 111 -19.51 -3.38 15.88
N TYR A 112 -18.99 -2.52 16.75
CA TYR A 112 -18.47 -2.95 18.06
C TYR A 112 -19.59 -3.50 18.94
N HIS A 113 -20.76 -2.87 18.88
CA HIS A 113 -21.91 -3.30 19.65
C HIS A 113 -22.37 -4.65 19.16
N HIS A 114 -22.64 -4.73 17.87
CA HIS A 114 -23.04 -5.99 17.24
C HIS A 114 -22.10 -7.14 17.58
N LEU A 115 -20.78 -6.92 17.42
CA LEU A 115 -19.80 -8.00 17.57
C LEU A 115 -19.54 -8.39 19.01
N HIS A 116 -19.33 -7.41 19.89
CA HIS A 116 -18.84 -7.68 21.24
C HIS A 116 -19.83 -7.44 22.34
N ILE A 117 -20.83 -6.60 22.14
CA ILE A 117 -21.81 -6.40 23.22
C ILE A 117 -23.01 -7.35 23.14
N ILE A 118 -23.61 -7.48 21.96
CA ILE A 118 -24.75 -8.39 21.78
C ILE A 118 -24.48 -9.66 20.93
N GLU A 119 -23.22 -9.86 20.56
CA GLU A 119 -22.79 -11.03 19.75
C GLU A 119 -23.78 -11.38 18.63
N THR A 120 -23.98 -10.48 17.67
CA THR A 120 -24.79 -10.79 16.51
C THR A 120 -24.04 -11.75 15.60
N LYS A 121 -24.75 -12.79 15.17
CA LYS A 121 -24.20 -13.81 14.27
C LYS A 121 -24.45 -13.35 12.85
N PHE A 122 -23.37 -12.97 12.16
CA PHE A 122 -23.44 -12.60 10.77
C PHE A 122 -23.02 -13.78 9.90
N GLU A 123 -23.84 -14.08 8.90
CA GLU A 123 -23.46 -15.03 7.87
C GLU A 123 -22.20 -14.49 7.20
N MET A 124 -21.33 -15.36 6.71
CA MET A 124 -20.05 -14.91 6.10
C MET A 124 -20.27 -13.91 4.97
N ILE A 125 -21.30 -14.10 4.17
CA ILE A 125 -21.61 -13.18 3.08
C ILE A 125 -21.74 -11.75 3.62
N LYS A 126 -22.49 -11.55 4.71
CA LYS A 126 -22.64 -10.21 5.31
C LYS A 126 -21.34 -9.66 5.90
N LEU A 127 -20.58 -10.49 6.61
CA LEU A 127 -19.32 -10.02 7.13
C LEU A 127 -18.55 -9.39 6.00
N ILE A 128 -18.34 -10.13 4.93
CA ILE A 128 -17.53 -9.66 3.80
C ILE A 128 -18.10 -8.36 3.24
N ASP A 129 -19.43 -8.27 3.17
CA ASP A 129 -20.11 -7.05 2.72
C ASP A 129 -19.84 -5.87 3.63
N ILE A 130 -19.81 -6.10 4.94
CA ILE A 130 -19.40 -5.07 5.88
C ILE A 130 -18.01 -4.63 5.48
N ALA A 131 -17.15 -5.61 5.22
CA ALA A 131 -15.77 -5.31 4.85
C ALA A 131 -15.69 -4.50 3.55
N ARG A 132 -16.48 -4.90 2.56
CA ARG A 132 -16.46 -4.18 1.29
C ARG A 132 -16.81 -2.70 1.49
N GLN A 133 -17.91 -2.46 2.20
CA GLN A 133 -18.46 -1.11 2.33
C GLN A 133 -17.55 -0.24 3.16
N THR A 134 -16.89 -0.83 4.14
CA THR A 134 -15.96 -0.10 4.97
C THR A 134 -14.77 0.32 4.13
N ALA A 135 -14.24 -0.61 3.35
CA ALA A 135 -13.10 -0.31 2.48
C ALA A 135 -13.47 0.76 1.46
N GLN A 136 -14.72 0.72 0.96
CA GLN A 136 -15.22 1.71 0.00
C GLN A 136 -15.13 3.11 0.57
N GLY A 137 -15.71 3.28 1.75
CA GLY A 137 -15.68 4.56 2.43
C GLY A 137 -14.28 5.03 2.72
N MET A 138 -13.41 4.10 3.08
CA MET A 138 -12.05 4.47 3.45
C MET A 138 -11.26 4.87 2.22
N ASP A 139 -11.42 4.11 1.14
CA ASP A 139 -10.88 4.52 -0.15
C ASP A 139 -11.34 5.95 -0.52
N TYR A 140 -12.58 6.27 -0.22
CA TYR A 140 -13.11 7.59 -0.50
C TYR A 140 -12.39 8.65 0.32
N LEU A 141 -12.35 8.46 1.63
CA LEU A 141 -11.65 9.40 2.48
C LEU A 141 -10.27 9.59 1.94
N HIS A 142 -9.60 8.49 1.64
CA HIS A 142 -8.24 8.54 1.12
C HIS A 142 -8.13 9.22 -0.22
N ALA A 143 -9.11 9.01 -1.11
CA ALA A 143 -9.14 9.71 -2.39
C ALA A 143 -9.13 11.22 -2.16
N LYS A 144 -9.84 11.67 -1.14
CA LYS A 144 -9.88 13.08 -0.77
C LYS A 144 -8.74 13.51 0.19
N SER A 145 -7.74 12.66 0.36
CA SER A 145 -6.59 12.96 1.18
C SER A 145 -6.90 13.19 2.65
N ILE A 146 -7.94 12.55 3.18
CA ILE A 146 -8.24 12.67 4.59
C ILE A 146 -7.72 11.42 5.24
N ILE A 147 -7.04 11.53 6.37
CA ILE A 147 -6.68 10.33 7.11
C ILE A 147 -7.54 10.25 8.35
N HIS A 148 -8.13 9.09 8.59
CA HIS A 148 -9.09 8.92 9.70
C HIS A 148 -8.49 9.06 11.08
N ARG A 149 -7.33 8.43 11.29
CA ARG A 149 -6.63 8.43 12.57
C ARG A 149 -7.30 7.64 13.71
N ASP A 150 -8.49 7.13 13.50
CA ASP A 150 -9.17 6.44 14.60
C ASP A 150 -10.24 5.46 14.15
N LEU A 151 -10.02 4.83 13.01
CA LEU A 151 -10.91 3.82 12.55
C LEU A 151 -10.92 2.69 13.56
N LYS A 152 -12.09 2.43 14.12
CA LYS A 152 -12.28 1.25 14.97
C LYS A 152 -13.74 0.84 14.76
N SER A 153 -14.07 -0.40 15.07
CA SER A 153 -15.44 -0.87 14.93
C SER A 153 -16.44 -0.01 15.70
N ASN A 154 -15.97 0.80 16.64
CA ASN A 154 -16.85 1.74 17.33
C ASN A 154 -17.36 2.86 16.44
N ASN A 155 -16.56 3.25 15.44
CA ASN A 155 -16.91 4.30 14.49
C ASN A 155 -17.51 3.78 13.17
N ILE A 156 -17.77 2.49 13.07
CA ILE A 156 -18.48 1.94 11.91
C ILE A 156 -19.93 1.60 12.31
N PHE A 157 -20.89 2.28 11.70
CA PHE A 157 -22.30 2.11 12.06
C PHE A 157 -23.03 1.31 10.99
N LEU A 158 -23.95 0.44 11.42
CA LEU A 158 -24.73 -0.38 10.49
C LEU A 158 -26.16 0.08 10.43
N HIS A 159 -26.54 0.73 9.33
CA HIS A 159 -27.92 1.19 9.13
C HIS A 159 -28.85 0.01 9.08
N GLU A 160 -30.14 0.28 9.24
CA GLU A 160 -31.14 -0.78 9.19
C GLU A 160 -31.16 -1.50 7.84
N ASP A 161 -31.05 -0.73 6.76
CA ASP A 161 -30.67 -1.26 5.44
C ASP A 161 -29.50 -2.28 5.47
N LEU A 162 -28.49 -1.97 6.30
CA LEU A 162 -27.20 -2.68 6.38
C LEU A 162 -26.12 -1.98 5.52
N THR A 163 -26.43 -0.74 5.12
CA THR A 163 -25.41 0.22 4.73
C THR A 163 -24.50 0.51 5.91
N VAL A 164 -23.20 0.58 5.67
CA VAL A 164 -22.26 0.98 6.68
C VAL A 164 -21.94 2.46 6.54
N LYS A 165 -21.85 3.16 7.67
CA LYS A 165 -21.39 4.55 7.68
C LYS A 165 -20.15 4.64 8.56
N ILE A 166 -19.09 5.23 8.05
CA ILE A 166 -17.91 5.51 8.88
C ILE A 166 -18.04 6.91 9.52
N GLY A 167 -17.66 7.00 10.79
CA GLY A 167 -17.77 8.25 11.52
C GLY A 167 -16.50 8.62 12.28
N ASP A 168 -16.62 9.68 13.09
CA ASP A 168 -15.59 10.12 14.03
C ASP A 168 -14.20 10.30 13.39
N PHE A 169 -14.16 10.85 12.18
CA PHE A 169 -12.90 11.24 11.54
C PHE A 169 -12.70 12.73 11.54
N GLY A 170 -13.71 13.48 11.95
CA GLY A 170 -13.59 14.92 12.10
C GLY A 170 -12.58 15.26 13.17
N LEU A 171 -12.19 16.53 13.21
CA LEU A 171 -11.45 17.09 14.34
C LEU A 171 -10.18 16.35 14.73
N ALA A 172 -9.48 15.74 13.78
CA ALA A 172 -8.25 15.05 14.13
C ALA A 172 -7.29 16.01 14.83
N THR A 173 -6.89 17.06 14.13
CA THR A 173 -6.00 18.07 14.69
C THR A 173 -6.51 18.59 16.05
N VAL A 174 -7.77 18.99 16.11
CA VAL A 174 -8.31 19.64 17.30
C VAL A 174 -8.34 18.71 18.51
N LYS A 175 -8.72 17.44 18.30
CA LYS A 175 -8.69 16.42 19.37
C LYS A 175 -7.33 16.40 20.07
N SER A 176 -6.26 16.36 19.29
CA SER A 176 -4.89 16.34 19.80
C SER A 176 -4.56 17.53 20.71
N ARG A 177 -4.73 18.75 20.22
CA ARG A 177 -4.33 19.96 20.95
C ARG A 177 -5.04 20.17 22.28
N TRP A 178 -6.37 20.11 22.27
CA TRP A 178 -7.17 20.46 23.44
C TRP A 178 -7.42 19.25 24.31
N SER A 188 -6.79 6.69 23.54
CA SER A 188 -6.97 6.26 24.93
C SER A 188 -7.64 4.89 25.06
N GLY A 189 -8.61 4.60 24.20
CA GLY A 189 -9.21 3.26 24.10
C GLY A 189 -9.30 2.84 22.64
N SER A 190 -8.21 3.09 21.91
CA SER A 190 -8.14 2.76 20.50
C SER A 190 -6.86 1.99 20.21
N ILE A 191 -6.21 1.49 21.27
CA ILE A 191 -4.87 0.92 21.13
C ILE A 191 -4.88 -0.40 20.37
N LEU A 192 -6.00 -1.10 20.41
CA LEU A 192 -6.09 -2.37 19.71
C LEU A 192 -6.01 -2.13 18.22
N TRP A 193 -6.41 -0.94 17.78
CA TRP A 193 -6.35 -0.58 16.38
C TRP A 193 -5.10 0.16 15.96
N MET A 194 -4.23 0.53 16.89
CA MET A 194 -3.06 1.32 16.53
C MET A 194 -1.98 0.45 15.96
N ALA A 195 -1.48 0.81 14.78
CA ALA A 195 -0.29 0.16 14.22
C ALA A 195 0.90 0.54 15.09
N PRO A 196 1.99 -0.24 15.02
CA PRO A 196 3.15 -0.01 15.87
C PRO A 196 3.75 1.39 15.84
N GLU A 197 3.96 1.97 14.67
CA GLU A 197 4.52 3.33 14.59
C GLU A 197 3.65 4.27 15.40
N VAL A 198 2.33 4.16 15.22
CA VAL A 198 1.38 4.97 15.98
C VAL A 198 1.58 4.69 17.46
N ILE A 199 1.58 3.42 17.84
CA ILE A 199 1.64 3.05 19.26
C ILE A 199 2.88 3.61 19.94
N ARG A 200 4.03 3.55 19.25
CA ARG A 200 5.25 4.17 19.77
C ARG A 200 5.40 5.54 19.15
N MET A 201 4.80 6.54 19.76
CA MET A 201 5.00 7.91 19.31
C MET A 201 6.52 8.18 19.32
N GLN A 202 7.15 7.97 18.18
CA GLN A 202 8.54 8.38 17.96
C GLN A 202 8.50 9.61 17.08
N ASP A 203 7.82 9.48 15.94
CA ASP A 203 7.63 10.59 15.02
C ASP A 203 6.54 11.54 15.57
N LYS A 204 6.71 12.82 15.25
CA LYS A 204 5.73 13.87 15.57
C LYS A 204 4.35 13.51 15.03
N ASN A 205 4.32 13.10 13.76
CA ASN A 205 3.09 12.67 13.09
C ASN A 205 3.24 11.25 12.51
N PRO A 206 2.87 10.23 13.28
CA PRO A 206 3.00 8.84 12.90
C PRO A 206 1.83 8.30 12.09
N TYR A 207 0.83 9.12 11.84
CA TYR A 207 -0.36 8.70 11.11
C TYR A 207 -0.15 8.82 9.62
N SER A 208 -0.79 7.92 8.88
CA SER A 208 -0.65 7.84 7.45
C SER A 208 -1.78 6.98 6.93
N PHE A 209 -1.88 6.83 5.62
CA PHE A 209 -2.91 5.99 5.02
C PHE A 209 -2.75 4.55 5.51
N GLN A 210 -1.52 4.08 5.54
CA GLN A 210 -1.27 2.69 5.93
C GLN A 210 -1.51 2.45 7.42
N SER A 211 -1.52 3.49 8.23
CA SER A 211 -1.91 3.33 9.63
C SER A 211 -3.41 3.12 9.68
N ASP A 212 -4.15 3.88 8.90
CA ASP A 212 -5.57 3.59 8.71
C ASP A 212 -5.76 2.15 8.27
N VAL A 213 -4.99 1.72 7.29
CA VAL A 213 -5.11 0.38 6.74
C VAL A 213 -4.88 -0.66 7.83
N TYR A 214 -3.89 -0.44 8.69
CA TYR A 214 -3.65 -1.36 9.80
C TYR A 214 -4.95 -1.46 10.62
N ALA A 215 -5.46 -0.33 11.09
CA ALA A 215 -6.67 -0.34 11.89
C ALA A 215 -7.75 -1.16 11.17
N PHE A 216 -7.92 -0.93 9.88
CA PHE A 216 -8.92 -1.66 9.11
C PHE A 216 -8.69 -3.16 9.21
N GLY A 217 -7.41 -3.57 9.18
CA GLY A 217 -7.05 -4.98 9.38
C GLY A 217 -7.56 -5.51 10.71
N ILE A 218 -7.39 -4.73 11.77
CA ILE A 218 -7.89 -5.11 13.06
C ILE A 218 -9.40 -5.28 12.96
N VAL A 219 -10.09 -4.37 12.28
CA VAL A 219 -11.53 -4.55 12.07
C VAL A 219 -11.81 -5.89 11.34
N LEU A 220 -10.98 -6.26 10.37
CA LEU A 220 -11.14 -7.56 9.73
C LEU A 220 -11.05 -8.66 10.76
N TYR A 221 -10.07 -8.55 11.65
CA TYR A 221 -9.87 -9.54 12.70
C TYR A 221 -11.14 -9.68 13.53
N GLU A 222 -11.71 -8.56 13.92
CA GLU A 222 -12.95 -8.58 14.69
C GLU A 222 -14.03 -9.27 13.89
N LEU A 223 -14.12 -8.95 12.62
CA LEU A 223 -15.18 -9.48 11.79
C LEU A 223 -15.09 -11.02 11.72
N MET A 224 -13.88 -11.56 11.64
CA MET A 224 -13.73 -12.97 11.36
C MET A 224 -13.28 -13.87 12.51
N THR A 225 -12.95 -13.28 13.65
CA THR A 225 -12.73 -14.04 14.87
C THR A 225 -13.95 -13.89 15.77
N GLY A 226 -14.68 -12.79 15.60
CA GLY A 226 -15.86 -12.48 16.39
C GLY A 226 -15.47 -11.91 17.73
N GLN A 227 -14.21 -11.50 17.87
CA GLN A 227 -13.69 -11.06 19.17
C GLN A 227 -12.48 -10.13 19.02
N LEU A 228 -12.12 -9.45 20.10
CA LEU A 228 -11.04 -8.48 20.09
C LEU A 228 -9.68 -9.14 20.23
N PRO A 229 -8.61 -8.49 19.72
CA PRO A 229 -7.27 -9.05 19.92
C PRO A 229 -6.78 -8.96 21.36
N TYR A 230 -5.82 -9.81 21.68
CA TYR A 230 -5.07 -9.73 22.95
C TYR A 230 -5.95 -9.89 24.19
N SER A 231 -7.00 -10.69 24.07
CA SER A 231 -7.88 -10.95 25.21
C SER A 231 -7.16 -11.63 26.36
N ASN A 232 -6.21 -12.52 26.05
CA ASN A 232 -5.50 -13.31 27.07
C ASN A 232 -4.35 -12.57 27.75
N ILE A 233 -4.18 -11.30 27.41
CA ILE A 233 -3.20 -10.44 28.06
C ILE A 233 -4.00 -9.41 28.82
N ASN A 234 -3.62 -9.13 30.07
CA ASN A 234 -4.43 -8.25 30.91
C ASN A 234 -3.79 -6.92 31.26
N ASN A 235 -2.55 -6.67 30.84
CA ASN A 235 -1.87 -5.42 31.15
C ASN A 235 -1.76 -4.49 29.93
N ARG A 236 -2.44 -3.36 30.00
CA ARG A 236 -2.47 -2.41 28.88
C ARG A 236 -1.07 -1.92 28.59
N ASP A 237 -0.35 -1.50 29.63
CA ASP A 237 0.97 -0.93 29.42
C ASP A 237 1.84 -1.90 28.65
N GLN A 238 1.68 -3.19 28.94
CA GLN A 238 2.48 -4.22 28.29
C GLN A 238 1.99 -4.50 26.85
N ILE A 239 0.68 -4.52 26.61
CA ILE A 239 0.22 -4.60 25.22
C ILE A 239 0.87 -3.48 24.42
N ILE A 240 0.93 -2.29 25.02
CA ILE A 240 1.48 -1.09 24.36
C ILE A 240 2.93 -1.34 23.99
N PHE A 241 3.70 -1.82 24.96
CA PHE A 241 5.10 -2.10 24.73
C PHE A 241 5.30 -3.08 23.58
N MET A 242 4.57 -4.19 23.62
CA MET A 242 4.90 -5.34 22.82
C MET A 242 4.51 -5.24 21.36
N VAL A 243 3.33 -4.67 21.11
CA VAL A 243 2.89 -4.43 19.73
C VAL A 243 3.82 -3.41 19.10
N GLY A 244 4.07 -2.35 19.87
CA GLY A 244 4.97 -1.29 19.51
C GLY A 244 6.35 -1.73 19.11
N ARG A 245 6.82 -2.86 19.63
CA ARG A 245 8.13 -3.40 19.24
C ARG A 245 8.07 -4.62 18.32
N GLY A 246 6.88 -5.04 17.93
CA GLY A 246 6.75 -6.18 17.04
C GLY A 246 6.80 -7.54 17.71
N TYR A 247 6.80 -7.56 19.05
CA TYR A 247 6.78 -8.85 19.77
C TYR A 247 5.37 -9.40 19.79
N LEU A 248 4.38 -8.54 19.67
CA LEU A 248 2.98 -8.93 19.78
C LEU A 248 2.23 -8.54 18.52
N SER A 249 1.50 -9.48 17.95
CA SER A 249 0.59 -9.23 16.83
C SER A 249 -0.61 -10.11 17.01
N PRO A 250 -1.69 -9.84 16.26
CA PRO A 250 -2.91 -10.60 16.52
C PRO A 250 -2.83 -12.03 16.02
N ASP A 251 -3.30 -12.98 16.83
CA ASP A 251 -3.23 -14.39 16.48
C ASP A 251 -4.27 -14.72 15.41
N LEU A 252 -3.80 -14.85 14.18
CA LEU A 252 -4.67 -15.03 13.02
C LEU A 252 -5.27 -16.42 12.91
N SER A 253 -4.74 -17.39 13.66
CA SER A 253 -5.24 -18.76 13.64
C SER A 253 -6.63 -18.85 14.29
N LYS A 254 -7.01 -17.80 15.00
CA LYS A 254 -8.32 -17.70 15.62
C LYS A 254 -9.46 -17.49 14.62
N VAL A 255 -9.18 -17.11 13.38
CA VAL A 255 -10.27 -16.82 12.44
C VAL A 255 -11.19 -18.03 12.27
N ARG A 256 -12.47 -17.78 12.01
CA ARG A 256 -13.44 -18.84 11.79
C ARG A 256 -13.02 -19.72 10.59
N SER A 257 -13.37 -21.01 10.65
CA SER A 257 -12.93 -21.98 9.65
C SER A 257 -13.49 -21.73 8.25
N ASN A 258 -14.68 -21.15 8.18
CA ASN A 258 -15.30 -20.85 6.88
C ASN A 258 -14.94 -19.48 6.31
N CYS A 259 -13.91 -18.84 6.87
CA CYS A 259 -13.32 -17.65 6.28
C CYS A 259 -12.54 -18.00 5.04
N PRO A 260 -12.84 -17.36 3.92
CA PRO A 260 -12.04 -17.51 2.72
C PRO A 260 -10.55 -17.36 2.98
N LYS A 261 -9.75 -18.14 2.27
CA LYS A 261 -8.30 -18.07 2.36
C LYS A 261 -7.81 -16.70 1.91
N ALA A 262 -8.37 -16.20 0.81
CA ALA A 262 -8.02 -14.88 0.29
C ALA A 262 -8.15 -13.80 1.35
N MET A 263 -9.14 -13.90 2.23
CA MET A 263 -9.28 -12.88 3.26
C MET A 263 -8.30 -13.02 4.41
N LYS A 264 -8.10 -14.24 4.89
CA LYS A 264 -7.08 -14.46 5.90
C LYS A 264 -5.80 -13.82 5.43
N ARG A 265 -5.53 -14.00 4.14
CA ARG A 265 -4.35 -13.42 3.51
C ARG A 265 -4.41 -11.89 3.49
N LEU A 266 -5.51 -11.35 3.00
CA LEU A 266 -5.64 -9.91 2.95
C LEU A 266 -5.42 -9.30 4.32
N MET A 267 -6.18 -9.80 5.28
CA MET A 267 -6.02 -9.40 6.66
C MET A 267 -4.54 -9.38 7.06
N ALA A 268 -3.87 -10.51 6.86
CA ALA A 268 -2.46 -10.64 7.22
C ALA A 268 -1.67 -9.46 6.62
N GLU A 269 -1.95 -9.13 5.37
CA GLU A 269 -1.19 -8.13 4.62
C GLU A 269 -1.49 -6.71 5.14
N CYS A 270 -2.75 -6.45 5.49
CA CYS A 270 -3.09 -5.22 6.19
C CYS A 270 -2.38 -5.09 7.51
N LEU A 271 -2.18 -6.20 8.20
CA LEU A 271 -1.61 -6.17 9.55
C LEU A 271 -0.07 -6.19 9.59
N LYS A 272 0.60 -6.11 8.43
CA LYS A 272 2.06 -6.15 8.42
C LYS A 272 2.60 -5.14 9.40
N LYS A 273 3.59 -5.54 10.19
CA LYS A 273 4.10 -4.70 11.26
C LYS A 273 4.81 -3.50 10.68
N LYS A 274 5.55 -3.70 9.59
CA LYS A 274 6.21 -2.61 8.85
C LYS A 274 5.20 -1.83 8.03
N ARG A 275 5.13 -0.53 8.27
CA ARG A 275 4.13 0.35 7.65
C ARG A 275 4.12 0.31 6.13
N ASP A 276 5.29 0.42 5.52
CA ASP A 276 5.41 0.41 4.06
C ASP A 276 5.09 -0.93 3.35
N GLU A 277 4.83 -1.99 4.10
CA GLU A 277 4.37 -3.26 3.51
C GLU A 277 2.83 -3.43 3.42
N ARG A 278 2.06 -2.45 3.89
CA ARG A 278 0.61 -2.62 3.95
C ARG A 278 -0.02 -2.06 2.68
N PRO A 279 -1.06 -2.73 2.14
CA PRO A 279 -1.67 -2.25 0.91
C PRO A 279 -2.51 -1.02 1.13
N LEU A 280 -2.70 -0.25 0.07
CA LEU A 280 -3.58 0.91 0.10
C LEU A 280 -5.00 0.45 -0.22
N PHE A 281 -5.98 1.33 -0.11
CA PHE A 281 -7.37 0.88 -0.18
C PHE A 281 -7.90 0.47 -1.55
N PRO A 282 -7.37 1.06 -2.64
CA PRO A 282 -7.87 0.57 -3.93
C PRO A 282 -7.59 -0.91 -4.11
N GLN A 283 -6.41 -1.34 -3.68
CA GLN A 283 -6.01 -2.76 -3.69
C GLN A 283 -6.93 -3.59 -2.84
N ILE A 284 -7.07 -3.17 -1.59
CA ILE A 284 -7.91 -3.87 -0.64
C ILE A 284 -9.30 -4.07 -1.21
N LEU A 285 -9.86 -3.02 -1.79
CA LEU A 285 -11.23 -3.07 -2.29
C LEU A 285 -11.39 -4.08 -3.43
N ALA A 286 -10.38 -4.20 -4.28
CA ALA A 286 -10.47 -5.10 -5.43
C ALA A 286 -10.36 -6.53 -4.94
N SER A 287 -9.45 -6.77 -4.00
CA SER A 287 -9.32 -8.06 -3.35
C SER A 287 -10.65 -8.56 -2.79
N ILE A 288 -11.28 -7.72 -1.99
CA ILE A 288 -12.52 -8.07 -1.33
C ILE A 288 -13.68 -8.25 -2.31
N GLU A 289 -13.66 -7.53 -3.43
CA GLU A 289 -14.75 -7.64 -4.42
C GLU A 289 -14.58 -8.84 -5.37
N LEU A 290 -13.35 -9.34 -5.50
CA LEU A 290 -13.11 -10.56 -6.26
C LEU A 290 -13.63 -11.75 -5.48
N LEU A 291 -13.25 -11.86 -4.22
CA LEU A 291 -13.67 -13.00 -3.39
C LEU A 291 -15.14 -12.88 -3.02
N ALA A 292 -15.74 -11.71 -3.20
CA ALA A 292 -17.20 -11.56 -3.03
C ALA A 292 -18.02 -12.18 -4.18
N ARG A 293 -17.40 -13.04 -4.99
CA ARG A 293 -18.10 -13.73 -6.10
C ARG A 293 -18.08 -15.24 -5.92
N SER A 294 -17.02 -15.73 -5.29
CA SER A 294 -16.92 -17.13 -4.91
C SER A 294 -18.09 -17.54 -4.02
N ASP B 23 30.78 -24.49 -1.40
CA ASP B 23 31.98 -24.53 -2.29
C ASP B 23 31.61 -25.11 -3.65
N TRP B 24 31.41 -24.21 -4.63
CA TRP B 24 30.76 -24.52 -5.90
C TRP B 24 31.61 -24.25 -7.11
N GLU B 25 32.93 -24.22 -6.95
CA GLU B 25 33.81 -23.80 -8.04
C GLU B 25 33.75 -24.76 -9.24
N ILE B 26 34.15 -24.27 -10.41
CA ILE B 26 34.16 -25.06 -11.64
C ILE B 26 35.54 -24.96 -12.30
N PRO B 27 36.30 -26.08 -12.31
CA PRO B 27 37.66 -26.08 -12.87
C PRO B 27 37.79 -25.72 -14.36
N ASP B 28 39.03 -25.59 -14.81
CA ASP B 28 39.36 -24.93 -16.07
C ASP B 28 39.33 -25.88 -17.27
N GLY B 29 39.18 -25.31 -18.47
CA GLY B 29 39.10 -26.08 -19.71
C GLY B 29 37.79 -26.82 -19.88
N GLN B 30 36.74 -26.34 -19.20
CA GLN B 30 35.43 -27.02 -19.21
C GLN B 30 34.28 -26.12 -19.66
N ILE B 31 34.58 -24.91 -20.15
CA ILE B 31 33.53 -23.92 -20.39
C ILE B 31 33.64 -23.20 -21.75
N THR B 32 34.69 -22.39 -21.92
CA THR B 32 34.85 -21.42 -23.02
C THR B 32 34.45 -20.03 -22.53
N GLY B 43 35.27 -7.60 -18.93
CA GLY B 43 34.76 -7.36 -20.27
C GLY B 43 33.35 -7.88 -20.45
N THR B 44 32.91 -7.98 -21.71
CA THR B 44 31.58 -8.48 -22.05
C THR B 44 31.56 -10.01 -21.84
N VAL B 45 30.36 -10.56 -21.71
CA VAL B 45 30.17 -12.00 -21.60
C VAL B 45 30.43 -12.69 -22.95
N TYR B 46 31.01 -13.88 -22.87
CA TYR B 46 31.11 -14.76 -24.02
C TYR B 46 30.19 -15.95 -23.76
N LYS B 47 29.80 -16.63 -24.84
CA LYS B 47 28.98 -17.83 -24.75
C LYS B 47 29.90 -19.02 -24.48
N GLY B 48 29.46 -19.89 -23.56
CA GLY B 48 30.24 -21.07 -23.19
C GLY B 48 29.43 -22.36 -23.23
N LYS B 49 30.09 -23.45 -22.83
CA LYS B 49 29.43 -24.74 -22.70
C LYS B 49 29.96 -25.48 -21.48
N TRP B 50 29.12 -25.54 -20.45
CA TRP B 50 29.40 -26.33 -19.25
C TRP B 50 28.11 -26.94 -18.80
N HIS B 51 27.98 -28.25 -18.93
CA HIS B 51 26.72 -28.94 -18.64
C HIS B 51 25.61 -28.34 -19.46
N GLY B 52 25.84 -28.30 -20.78
CA GLY B 52 24.97 -27.58 -21.69
C GLY B 52 25.44 -26.14 -21.88
N ASP B 53 24.68 -25.34 -22.62
CA ASP B 53 25.06 -23.96 -22.91
C ASP B 53 25.03 -23.14 -21.64
N VAL B 54 26.00 -22.24 -21.49
CA VAL B 54 26.06 -21.34 -20.34
C VAL B 54 26.46 -19.94 -20.75
N ALA B 55 26.04 -18.96 -19.94
CA ALA B 55 26.53 -17.59 -20.06
C ALA B 55 27.53 -17.37 -18.94
N VAL B 56 28.72 -16.89 -19.30
CA VAL B 56 29.83 -16.78 -18.35
C VAL B 56 30.29 -15.32 -18.24
N LYS B 57 30.14 -14.75 -17.05
CA LYS B 57 30.51 -13.34 -16.83
C LYS B 57 32.01 -13.22 -16.63
N MET B 58 32.67 -12.54 -17.56
CA MET B 58 34.11 -12.30 -17.50
C MET B 58 34.40 -10.92 -16.90
N LEU B 59 34.98 -10.90 -15.70
CA LEU B 59 35.36 -9.65 -15.04
C LEU B 59 36.67 -9.12 -15.60
N ALA B 71 37.37 -12.57 -0.66
CA ALA B 71 36.72 -11.27 -0.53
C ALA B 71 35.34 -11.29 -1.19
N PHE B 72 35.30 -11.72 -2.45
CA PHE B 72 34.04 -11.86 -3.21
C PHE B 72 33.27 -13.13 -2.84
N LYS B 73 33.97 -14.10 -2.28
CA LYS B 73 33.40 -15.41 -1.97
C LYS B 73 32.14 -15.34 -1.11
N ASN B 74 31.99 -14.25 -0.38
CA ASN B 74 30.82 -14.02 0.46
C ASN B 74 29.53 -13.90 -0.37
N GLU B 75 29.65 -13.37 -1.58
CA GLU B 75 28.50 -13.17 -2.49
C GLU B 75 27.89 -14.49 -2.97
N VAL B 76 28.74 -15.40 -3.43
CA VAL B 76 28.28 -16.67 -4.00
C VAL B 76 27.40 -17.47 -3.03
N GLY B 77 27.74 -17.42 -1.74
CA GLY B 77 26.93 -18.04 -0.69
C GLY B 77 25.45 -17.75 -0.81
N VAL B 78 25.13 -16.52 -1.23
CA VAL B 78 23.75 -16.08 -1.41
C VAL B 78 23.14 -16.52 -2.74
N LEU B 79 23.96 -16.62 -3.78
CA LEU B 79 23.47 -16.98 -5.11
C LEU B 79 23.06 -18.45 -5.25
N ARG B 80 23.63 -19.32 -4.43
CA ARG B 80 23.26 -20.75 -4.46
C ARG B 80 21.77 -20.90 -4.21
N LYS B 81 21.29 -20.20 -3.18
CA LYS B 81 19.90 -20.29 -2.76
C LYS B 81 18.98 -19.34 -3.55
N THR B 82 19.54 -18.56 -4.47
CA THR B 82 18.74 -17.72 -5.37
C THR B 82 18.22 -18.57 -6.52
N ARG B 83 17.04 -19.14 -6.30
CA ARG B 83 16.48 -20.14 -7.19
C ARG B 83 15.03 -19.78 -7.48
N HIS B 84 14.78 -19.22 -8.66
CA HIS B 84 13.43 -18.88 -9.07
C HIS B 84 13.32 -18.89 -10.56
N VAL B 85 12.14 -19.27 -11.05
CA VAL B 85 11.91 -19.41 -12.47
C VAL B 85 12.30 -18.17 -13.27
N ASN B 86 11.90 -17.00 -12.75
CA ASN B 86 12.09 -15.71 -13.43
C ASN B 86 13.37 -14.95 -13.05
N ILE B 87 14.27 -15.61 -12.32
CA ILE B 87 15.60 -15.07 -12.06
C ILE B 87 16.61 -15.92 -12.82
N LEU B 88 17.70 -15.30 -13.25
CA LEU B 88 18.74 -16.02 -14.00
C LEU B 88 19.39 -17.02 -13.06
N LEU B 89 19.39 -18.29 -13.46
CA LEU B 89 19.83 -19.38 -12.59
C LEU B 89 21.34 -19.44 -12.44
N PHE B 90 21.79 -19.47 -11.19
CA PHE B 90 23.21 -19.53 -10.86
C PHE B 90 23.67 -20.98 -10.73
N MET B 91 24.69 -21.35 -11.51
CA MET B 91 25.21 -22.72 -11.52
C MET B 91 26.62 -22.86 -10.95
N GLY B 92 27.33 -21.75 -10.79
CA GLY B 92 28.64 -21.77 -10.15
C GLY B 92 29.55 -20.58 -10.44
N TYR B 93 30.70 -20.54 -9.76
CA TYR B 93 31.70 -19.50 -9.97
C TYR B 93 33.03 -20.10 -10.41
N SER B 94 33.99 -19.24 -10.71
CA SER B 94 35.31 -19.66 -11.14
C SER B 94 36.36 -18.63 -10.77
N THR B 95 37.62 -19.07 -10.73
CA THR B 95 38.74 -18.17 -10.53
C THR B 95 40.03 -18.84 -11.05
N LYS B 96 39.97 -19.31 -12.29
CA LYS B 96 41.10 -19.96 -12.95
C LYS B 96 40.82 -20.06 -14.45
N PRO B 97 41.16 -19.01 -15.22
CA PRO B 97 41.94 -17.81 -14.89
C PRO B 97 41.26 -16.80 -13.94
N GLN B 98 40.63 -15.75 -14.45
CA GLN B 98 40.16 -14.65 -13.61
C GLN B 98 38.79 -14.98 -12.99
N LEU B 99 38.47 -14.28 -11.91
CA LEU B 99 37.18 -14.45 -11.21
C LEU B 99 35.99 -14.25 -12.15
N ALA B 100 35.05 -15.21 -12.14
CA ALA B 100 33.95 -15.22 -13.09
C ALA B 100 32.69 -15.92 -12.56
N ILE B 101 31.52 -15.43 -13.00
CA ILE B 101 30.22 -16.00 -12.62
C ILE B 101 29.58 -16.65 -13.83
N VAL B 102 28.97 -17.81 -13.62
CA VAL B 102 28.35 -18.56 -14.71
C VAL B 102 26.87 -18.79 -14.44
N THR B 103 26.07 -18.61 -15.49
CA THR B 103 24.64 -18.88 -15.43
C THR B 103 24.25 -19.61 -16.70
N GLN B 104 22.99 -20.04 -16.76
CA GLN B 104 22.44 -20.57 -18.00
C GLN B 104 22.56 -19.55 -19.13
N TRP B 105 22.60 -20.06 -20.34
CA TRP B 105 22.35 -19.24 -21.53
C TRP B 105 20.94 -19.53 -21.93
N CYS B 106 20.12 -18.48 -22.00
CA CYS B 106 18.74 -18.62 -22.46
C CYS B 106 18.59 -17.96 -23.82
N GLU B 107 18.02 -18.72 -24.75
CA GLU B 107 17.89 -18.29 -26.14
C GLU B 107 16.84 -17.18 -26.24
N GLY B 108 17.20 -16.12 -26.95
CA GLY B 108 16.32 -14.96 -27.10
C GLY B 108 17.09 -13.66 -26.88
N SER B 109 16.36 -12.61 -26.53
CA SER B 109 16.97 -11.29 -26.38
C SER B 109 16.28 -10.47 -25.31
N SER B 110 16.92 -9.38 -24.93
CA SER B 110 16.46 -8.54 -23.84
C SER B 110 15.15 -7.81 -24.17
N LEU B 111 14.43 -7.39 -23.13
CA LEU B 111 13.22 -6.61 -23.31
C LEU B 111 13.56 -5.32 -24.02
N TYR B 112 14.69 -4.72 -23.64
CA TYR B 112 15.22 -3.55 -24.33
C TYR B 112 15.30 -3.78 -25.83
N HIS B 113 15.99 -4.86 -26.21
CA HIS B 113 16.22 -5.20 -27.61
C HIS B 113 14.92 -5.28 -28.37
N HIS B 114 13.91 -5.90 -27.76
CA HIS B 114 12.64 -6.16 -28.44
C HIS B 114 11.86 -4.92 -28.66
N LEU B 115 11.82 -4.07 -27.64
CA LEU B 115 10.95 -2.91 -27.66
C LEU B 115 11.50 -1.77 -28.50
N HIS B 116 12.81 -1.57 -28.48
CA HIS B 116 13.39 -0.35 -29.04
C HIS B 116 14.19 -0.58 -30.28
N ILE B 117 15.10 -1.55 -30.26
CA ILE B 117 15.97 -1.79 -31.40
C ILE B 117 15.18 -2.43 -32.55
N ILE B 118 14.64 -3.62 -32.32
CA ILE B 118 13.86 -4.32 -33.37
C ILE B 118 12.36 -3.99 -33.29
N GLU B 119 11.94 -3.30 -32.23
CA GLU B 119 10.55 -2.84 -32.09
C GLU B 119 9.55 -3.94 -32.41
N THR B 120 9.31 -4.82 -31.44
CA THR B 120 8.30 -5.87 -31.58
C THR B 120 6.96 -5.34 -31.08
N LYS B 121 5.90 -5.58 -31.85
CA LYS B 121 4.56 -5.24 -31.42
C LYS B 121 3.96 -6.43 -30.66
N PHE B 122 4.05 -6.39 -29.34
CA PHE B 122 3.44 -7.41 -28.49
C PHE B 122 1.96 -7.14 -28.33
N GLU B 123 1.23 -8.15 -27.86
CA GLU B 123 -0.17 -7.96 -27.46
C GLU B 123 -0.15 -7.40 -26.05
N MET B 124 -1.26 -6.78 -25.63
CA MET B 124 -1.33 -6.21 -24.29
C MET B 124 -1.27 -7.35 -23.26
N ILE B 125 -2.04 -8.40 -23.49
CA ILE B 125 -2.00 -9.61 -22.64
C ILE B 125 -0.56 -10.13 -22.41
N LYS B 126 0.30 -10.01 -23.43
CA LYS B 126 1.69 -10.41 -23.32
C LYS B 126 2.49 -9.44 -22.46
N LEU B 127 2.37 -8.14 -22.78
CA LEU B 127 3.07 -7.10 -22.01
C LEU B 127 2.75 -7.24 -20.53
N ILE B 128 1.46 -7.40 -20.23
CA ILE B 128 1.01 -7.61 -18.86
C ILE B 128 1.64 -8.86 -18.29
N ASP B 129 1.59 -9.95 -19.06
CA ASP B 129 2.26 -11.20 -18.68
C ASP B 129 3.72 -10.92 -18.34
N ILE B 130 4.43 -10.25 -19.24
CA ILE B 130 5.85 -9.91 -19.02
C ILE B 130 6.06 -9.13 -17.72
N ALA B 131 5.21 -8.13 -17.50
CA ALA B 131 5.33 -7.27 -16.33
C ALA B 131 5.07 -8.02 -15.02
N ARG B 132 4.17 -9.00 -15.06
CA ARG B 132 3.92 -9.85 -13.89
C ARG B 132 5.16 -10.69 -13.56
N GLN B 133 5.69 -11.36 -14.57
CA GLN B 133 6.87 -12.20 -14.40
C GLN B 133 8.04 -11.40 -13.83
N THR B 134 8.25 -10.18 -14.31
CA THR B 134 9.28 -9.31 -13.76
C THR B 134 9.02 -9.05 -12.26
N ALA B 135 7.75 -8.87 -11.89
CA ALA B 135 7.39 -8.73 -10.50
C ALA B 135 7.67 -10.03 -9.70
N GLN B 136 7.41 -11.19 -10.31
CA GLN B 136 7.62 -12.50 -9.64
C GLN B 136 9.02 -12.63 -9.06
N GLY B 137 10.00 -12.16 -9.83
CA GLY B 137 11.40 -12.30 -9.49
C GLY B 137 11.82 -11.28 -8.47
N MET B 138 11.58 -10.01 -8.79
CA MET B 138 11.92 -8.93 -7.88
C MET B 138 11.32 -9.22 -6.51
N ASP B 139 10.06 -9.65 -6.50
CA ASP B 139 9.42 -10.15 -5.29
C ASP B 139 10.30 -11.19 -4.56
N TYR B 140 10.77 -12.20 -5.28
CA TYR B 140 11.68 -13.16 -4.71
C TYR B 140 12.92 -12.45 -4.18
N LEU B 141 13.66 -11.77 -5.06
CA LEU B 141 14.92 -11.13 -4.67
C LEU B 141 14.82 -10.29 -3.40
N HIS B 142 13.73 -9.58 -3.23
CA HIS B 142 13.50 -8.84 -1.98
C HIS B 142 13.22 -9.76 -0.82
N ALA B 143 12.52 -10.87 -1.06
CA ALA B 143 12.28 -11.88 -0.03
C ALA B 143 13.60 -12.36 0.53
N LYS B 144 14.61 -12.41 -0.34
CA LYS B 144 15.96 -12.83 0.03
C LYS B 144 16.89 -11.65 0.40
N SER B 145 16.30 -10.48 0.71
CA SER B 145 17.06 -9.30 1.18
C SER B 145 18.03 -8.68 0.16
N ILE B 146 17.87 -9.01 -1.12
CA ILE B 146 18.76 -8.52 -2.17
C ILE B 146 18.18 -7.29 -2.88
N ILE B 147 18.87 -6.15 -2.77
CA ILE B 147 18.50 -4.95 -3.52
C ILE B 147 19.16 -5.06 -4.88
N HIS B 148 18.35 -5.10 -5.95
CA HIS B 148 18.86 -5.23 -7.32
C HIS B 148 19.82 -4.14 -7.69
N ARG B 149 19.55 -2.94 -7.22
CA ARG B 149 20.41 -1.76 -7.47
C ARG B 149 20.52 -1.31 -8.95
N ASP B 150 20.08 -2.11 -9.90
CA ASP B 150 20.20 -1.73 -11.31
C ASP B 150 19.22 -2.43 -12.26
N LEU B 151 17.93 -2.39 -11.91
CA LEU B 151 16.90 -2.93 -12.78
C LEU B 151 16.62 -2.01 -13.98
N LYS B 152 16.64 -2.61 -15.17
CA LYS B 152 16.30 -1.94 -16.42
C LYS B 152 15.96 -3.00 -17.48
N SER B 153 15.41 -2.58 -18.60
CA SER B 153 14.89 -3.50 -19.63
C SER B 153 15.97 -4.33 -20.30
N ASN B 154 17.19 -3.81 -20.37
CA ASN B 154 18.32 -4.57 -20.90
C ASN B 154 18.79 -5.68 -19.93
N ASN B 155 18.28 -5.64 -18.70
CA ASN B 155 18.50 -6.67 -17.68
C ASN B 155 17.28 -7.57 -17.51
N ILE B 156 16.42 -7.62 -18.52
CA ILE B 156 15.27 -8.52 -18.52
C ILE B 156 15.26 -9.28 -19.82
N PHE B 157 15.47 -10.58 -19.76
CA PHE B 157 15.57 -11.40 -20.96
C PHE B 157 14.30 -12.22 -21.20
N LEU B 158 13.95 -12.40 -22.47
CA LEU B 158 12.84 -13.24 -22.88
C LEU B 158 13.35 -14.58 -23.42
N HIS B 159 13.22 -15.62 -22.61
CA HIS B 159 13.58 -16.98 -23.00
C HIS B 159 12.49 -17.55 -23.88
N GLU B 160 12.88 -18.09 -25.03
CA GLU B 160 11.91 -18.57 -26.02
C GLU B 160 10.81 -17.51 -26.29
N ASP B 161 11.22 -16.24 -26.29
CA ASP B 161 10.35 -15.07 -26.47
C ASP B 161 9.15 -15.01 -25.50
N LEU B 162 9.20 -15.79 -24.41
CA LEU B 162 8.01 -16.04 -23.59
C LEU B 162 8.28 -15.77 -22.10
N THR B 163 9.20 -16.51 -21.50
CA THR B 163 9.45 -16.44 -20.05
C THR B 163 10.59 -15.50 -19.67
N VAL B 164 10.34 -14.66 -18.67
CA VAL B 164 11.26 -13.59 -18.28
C VAL B 164 12.35 -14.08 -17.35
N LYS B 165 13.55 -13.50 -17.45
CA LYS B 165 14.66 -13.86 -16.58
C LYS B 165 15.44 -12.60 -16.17
N ILE B 166 15.45 -12.28 -14.88
CA ILE B 166 16.14 -11.08 -14.40
C ILE B 166 17.62 -11.36 -14.16
N GLY B 167 18.47 -10.35 -14.36
CA GLY B 167 19.89 -10.49 -14.07
C GLY B 167 20.63 -9.17 -13.88
N ASP B 168 21.90 -9.28 -13.47
CA ASP B 168 22.83 -8.15 -13.30
C ASP B 168 22.75 -7.55 -11.90
N PHE B 169 22.48 -8.39 -10.91
CA PHE B 169 22.34 -7.94 -9.52
C PHE B 169 23.48 -8.44 -8.62
N GLY B 170 24.55 -8.96 -9.23
CA GLY B 170 25.67 -9.52 -8.46
C GLY B 170 26.46 -8.47 -7.70
N SER B 188 27.30 6.57 -13.95
CA SER B 188 26.42 5.56 -14.53
C SER B 188 26.10 5.88 -15.99
N GLY B 189 25.44 4.92 -16.66
CA GLY B 189 24.89 5.14 -17.99
C GLY B 189 23.41 4.76 -18.08
N SER B 190 22.74 4.70 -16.93
CA SER B 190 21.37 4.22 -16.85
C SER B 190 20.52 5.06 -15.91
N ILE B 191 20.45 6.35 -16.20
CA ILE B 191 19.70 7.27 -15.37
C ILE B 191 18.19 7.09 -15.50
N LEU B 192 17.73 6.62 -16.65
CA LEU B 192 16.29 6.62 -16.92
C LEU B 192 15.50 5.83 -15.88
N TRP B 193 16.15 4.88 -15.23
CA TRP B 193 15.50 3.98 -14.29
C TRP B 193 15.74 4.35 -12.85
N MET B 194 16.65 5.28 -12.60
CA MET B 194 16.98 5.72 -11.23
C MET B 194 15.88 6.57 -10.63
N ALA B 195 15.57 6.30 -9.37
CA ALA B 195 14.67 7.15 -8.59
C ALA B 195 15.38 8.46 -8.23
N PRO B 196 14.62 9.44 -7.70
CA PRO B 196 15.20 10.74 -7.34
C PRO B 196 16.29 10.70 -6.26
N GLU B 197 16.00 10.15 -5.09
CA GLU B 197 17.01 9.96 -4.02
C GLU B 197 18.31 9.37 -4.57
N VAL B 198 18.17 8.35 -5.41
CA VAL B 198 19.30 7.75 -6.10
C VAL B 198 19.93 8.76 -7.04
N ILE B 199 19.10 9.44 -7.84
CA ILE B 199 19.61 10.32 -8.89
C ILE B 199 20.45 11.48 -8.38
N ARG B 200 20.40 11.75 -7.08
CA ARG B 200 21.21 12.80 -6.48
C ARG B 200 22.05 12.26 -5.33
N MET B 201 22.53 11.02 -5.49
CA MET B 201 23.31 10.30 -4.47
C MET B 201 23.79 11.26 -3.37
N GLN B 202 23.00 11.31 -2.29
CA GLN B 202 22.95 12.46 -1.40
C GLN B 202 23.43 12.20 0.03
N ASP B 203 23.74 10.94 0.34
CA ASP B 203 24.01 10.54 1.71
C ASP B 203 24.58 9.11 1.77
N LYS B 204 24.67 8.56 2.98
CA LYS B 204 25.22 7.21 3.20
C LYS B 204 24.74 6.18 2.16
N ASN B 205 23.44 5.87 2.19
CA ASN B 205 22.88 4.85 1.31
C ASN B 205 21.53 5.26 0.74
N PRO B 206 21.50 5.58 -0.57
CA PRO B 206 20.25 5.97 -1.24
C PRO B 206 19.40 4.79 -1.72
N TYR B 207 20.02 3.62 -1.97
CA TYR B 207 19.29 2.47 -2.51
C TYR B 207 18.40 1.82 -1.45
N SER B 208 17.41 1.08 -1.94
CA SER B 208 16.32 0.59 -1.11
C SER B 208 15.45 -0.30 -1.95
N PHE B 209 14.60 -1.09 -1.29
CA PHE B 209 13.61 -1.87 -2.01
C PHE B 209 12.80 -0.95 -2.90
N GLN B 210 12.44 0.21 -2.36
CA GLN B 210 11.66 1.19 -3.09
C GLN B 210 12.39 1.70 -4.35
N SER B 211 13.71 1.89 -4.26
CA SER B 211 14.48 2.29 -5.44
C SER B 211 14.21 1.34 -6.60
N ASP B 212 14.21 0.04 -6.33
CA ASP B 212 13.92 -0.95 -7.36
C ASP B 212 12.48 -0.77 -7.87
N VAL B 213 11.56 -0.47 -6.97
CA VAL B 213 10.17 -0.32 -7.37
C VAL B 213 10.00 0.83 -8.38
N TYR B 214 10.83 1.87 -8.24
CA TYR B 214 10.82 2.99 -9.17
C TYR B 214 11.26 2.52 -10.54
N ALA B 215 12.36 1.77 -10.59
CA ALA B 215 12.89 1.26 -11.85
C ALA B 215 11.93 0.29 -12.55
N PHE B 216 11.23 -0.53 -11.77
CA PHE B 216 10.24 -1.41 -12.35
C PHE B 216 9.15 -0.58 -13.01
N GLY B 217 8.86 0.57 -12.40
CA GLY B 217 7.87 1.51 -12.93
C GLY B 217 8.26 2.06 -14.29
N ILE B 218 9.53 2.43 -14.45
CA ILE B 218 10.03 2.86 -15.75
C ILE B 218 9.82 1.76 -16.79
N VAL B 219 10.05 0.51 -16.43
CA VAL B 219 9.83 -0.61 -17.35
C VAL B 219 8.35 -0.70 -17.75
N LEU B 220 7.45 -0.42 -16.81
CA LEU B 220 6.01 -0.40 -17.14
C LEU B 220 5.72 0.70 -18.17
N TYR B 221 6.41 1.83 -18.03
CA TYR B 221 6.31 2.89 -19.03
C TYR B 221 6.78 2.33 -20.36
N GLU B 222 7.97 1.69 -20.35
CA GLU B 222 8.55 1.10 -21.57
C GLU B 222 7.58 0.11 -22.19
N LEU B 223 7.00 -0.74 -21.35
CA LEU B 223 6.09 -1.77 -21.81
C LEU B 223 4.92 -1.19 -22.61
N MET B 224 4.30 -0.14 -22.09
CA MET B 224 3.06 0.35 -22.66
C MET B 224 3.24 1.51 -23.65
N THR B 225 4.21 2.37 -23.40
CA THR B 225 4.56 3.38 -24.38
C THR B 225 5.25 2.71 -25.56
N GLY B 226 6.16 1.79 -25.29
CA GLY B 226 7.01 1.24 -26.32
C GLY B 226 8.22 2.12 -26.60
N GLN B 227 8.48 3.09 -25.72
CA GLN B 227 9.59 4.01 -25.88
C GLN B 227 10.21 4.45 -24.57
N LEU B 228 11.36 5.09 -24.65
CA LEU B 228 12.08 5.54 -23.46
C LEU B 228 11.55 6.88 -22.95
N PRO B 229 11.52 7.06 -21.62
CA PRO B 229 11.04 8.34 -21.10
C PRO B 229 12.00 9.47 -21.43
N TYR B 230 11.46 10.68 -21.46
CA TYR B 230 12.22 11.87 -21.75
C TYR B 230 12.84 11.83 -23.12
N SER B 231 12.20 11.11 -24.03
CA SER B 231 12.72 10.97 -25.39
C SER B 231 12.81 12.33 -26.12
N ASN B 232 12.22 13.37 -25.55
CA ASN B 232 12.24 14.72 -26.13
C ASN B 232 13.19 15.71 -25.43
N ILE B 233 14.09 15.19 -24.59
CA ILE B 233 15.13 16.00 -23.97
C ILE B 233 16.48 15.37 -24.29
N ASN B 234 17.36 16.14 -24.94
CA ASN B 234 18.65 15.63 -25.42
C ASN B 234 19.82 15.79 -24.46
N ASN B 235 19.65 16.61 -23.43
CA ASN B 235 20.70 16.85 -22.44
C ASN B 235 20.53 15.92 -21.25
N ARG B 236 21.41 14.92 -21.17
CA ARG B 236 21.38 13.92 -20.12
C ARG B 236 21.51 14.58 -18.74
N ASP B 237 22.49 15.45 -18.61
CA ASP B 237 22.76 16.12 -17.34
C ASP B 237 21.58 16.92 -16.82
N GLN B 238 20.77 17.47 -17.73
CA GLN B 238 19.59 18.21 -17.33
C GLN B 238 18.55 17.25 -16.78
N ILE B 239 18.33 16.14 -17.48
CA ILE B 239 17.47 15.06 -16.98
C ILE B 239 17.87 14.66 -15.56
N ILE B 240 19.17 14.60 -15.29
CA ILE B 240 19.65 14.27 -13.95
C ILE B 240 19.10 15.32 -12.97
N PHE B 241 19.48 16.57 -13.19
CA PHE B 241 19.01 17.69 -12.38
C PHE B 241 17.49 17.69 -12.18
N MET B 242 16.78 17.41 -13.26
CA MET B 242 15.34 17.57 -13.31
C MET B 242 14.59 16.52 -12.53
N VAL B 243 15.06 15.29 -12.57
CA VAL B 243 14.38 14.22 -11.83
C VAL B 243 14.78 14.30 -10.36
N GLY B 244 16.01 14.74 -10.13
CA GLY B 244 16.52 15.05 -8.80
C GLY B 244 15.63 15.96 -7.98
N ARG B 245 15.30 17.13 -8.52
CA ARG B 245 14.54 18.11 -7.75
C ARG B 245 13.02 17.89 -7.83
N GLY B 246 12.58 16.89 -8.60
CA GLY B 246 11.17 16.52 -8.70
C GLY B 246 10.39 17.26 -9.77
N TYR B 247 11.10 17.95 -10.67
CA TYR B 247 10.49 18.81 -11.68
C TYR B 247 10.03 18.07 -12.93
N LEU B 248 10.65 16.92 -13.20
CA LEU B 248 10.39 16.17 -14.42
C LEU B 248 10.07 14.76 -14.04
N SER B 249 8.95 14.24 -14.52
CA SER B 249 8.60 12.84 -14.37
C SER B 249 8.17 12.33 -15.74
N PRO B 250 8.02 11.00 -15.89
CA PRO B 250 7.60 10.44 -17.19
C PRO B 250 6.15 10.76 -17.54
N ASP B 251 5.89 11.01 -18.83
CA ASP B 251 4.58 11.47 -19.30
C ASP B 251 3.60 10.32 -19.45
N LEU B 252 2.81 10.09 -18.41
CA LEU B 252 1.92 8.92 -18.38
C LEU B 252 0.79 8.94 -19.42
N SER B 253 0.61 10.07 -20.10
CA SER B 253 -0.44 10.18 -21.13
C SER B 253 -0.01 9.53 -22.45
N LYS B 254 1.16 8.89 -22.46
CA LYS B 254 1.68 8.23 -23.66
C LYS B 254 1.36 6.74 -23.73
N VAL B 255 0.69 6.19 -22.72
CA VAL B 255 0.27 4.79 -22.76
C VAL B 255 -0.73 4.59 -23.90
N ARG B 256 -0.85 3.36 -24.40
CA ARG B 256 -1.81 3.05 -25.46
C ARG B 256 -3.19 3.03 -24.83
N SER B 257 -4.22 3.17 -25.68
CA SER B 257 -5.60 3.30 -25.20
C SER B 257 -6.01 2.16 -24.25
N ASN B 258 -5.65 0.94 -24.63
CA ASN B 258 -6.21 -0.27 -24.00
C ASN B 258 -5.60 -0.75 -22.67
N CYS B 259 -4.76 0.08 -22.04
CA CYS B 259 -4.19 -0.25 -20.73
C CYS B 259 -5.14 0.12 -19.61
N PRO B 260 -5.54 -0.85 -18.77
CA PRO B 260 -6.57 -0.51 -17.80
C PRO B 260 -6.10 0.57 -16.86
N LYS B 261 -7.04 1.37 -16.36
CA LYS B 261 -6.72 2.37 -15.35
C LYS B 261 -5.70 1.77 -14.38
N ALA B 262 -6.01 0.61 -13.83
CA ALA B 262 -5.15 -0.08 -12.85
C ALA B 262 -3.66 -0.11 -13.25
N MET B 263 -3.38 -0.54 -14.47
CA MET B 263 -2.00 -0.64 -14.92
C MET B 263 -1.36 0.74 -14.93
N LYS B 264 -2.05 1.68 -15.55
CA LYS B 264 -1.62 3.06 -15.54
C LYS B 264 -1.53 3.59 -14.10
N ARG B 265 -2.47 3.20 -13.24
CA ARG B 265 -2.47 3.66 -11.85
C ARG B 265 -1.36 2.99 -11.04
N LEU B 266 -1.07 1.73 -11.35
CA LEU B 266 0.04 1.03 -10.70
C LEU B 266 1.32 1.74 -11.03
N MET B 267 1.49 2.04 -12.31
CA MET B 267 2.64 2.75 -12.83
C MET B 267 2.90 4.03 -12.04
N ALA B 268 1.83 4.82 -11.84
CA ALA B 268 1.90 6.06 -11.04
C ALA B 268 2.46 5.82 -9.65
N GLU B 269 1.85 4.89 -8.93
CA GLU B 269 2.31 4.51 -7.60
C GLU B 269 3.78 4.13 -7.57
N CYS B 270 4.18 3.28 -8.50
CA CYS B 270 5.58 2.90 -8.64
C CYS B 270 6.48 4.13 -8.81
N LEU B 271 6.04 5.10 -9.60
CA LEU B 271 6.89 6.24 -9.97
C LEU B 271 6.80 7.46 -9.02
N LYS B 272 5.99 7.35 -7.96
CA LYS B 272 5.92 8.35 -6.90
C LYS B 272 7.32 8.84 -6.53
N LYS B 273 7.48 10.13 -6.30
CA LYS B 273 8.80 10.74 -6.11
C LYS B 273 9.32 10.48 -4.70
N LYS B 274 8.47 10.65 -3.71
CA LYS B 274 8.84 10.29 -2.35
C LYS B 274 9.02 8.78 -2.22
N ARG B 275 10.22 8.41 -1.79
CA ARG B 275 10.64 7.02 -1.62
C ARG B 275 9.61 6.15 -0.91
N ASP B 276 9.20 6.59 0.28
CA ASP B 276 8.37 5.77 1.19
C ASP B 276 6.91 5.56 0.73
N GLU B 277 6.44 6.31 -0.26
CA GLU B 277 5.07 6.18 -0.75
C GLU B 277 4.91 5.14 -1.85
N ARG B 278 6.01 4.58 -2.32
CA ARG B 278 5.98 3.61 -3.40
C ARG B 278 5.56 2.27 -2.82
N PRO B 279 4.80 1.46 -3.58
CA PRO B 279 4.45 0.15 -3.04
C PRO B 279 5.68 -0.75 -2.99
N LEU B 280 5.64 -1.79 -2.16
CA LEU B 280 6.65 -2.84 -2.19
C LEU B 280 6.12 -3.96 -3.08
N PHE B 281 6.96 -4.92 -3.42
CA PHE B 281 6.70 -5.81 -4.56
C PHE B 281 5.57 -6.82 -4.42
N PRO B 282 5.39 -7.39 -3.21
CA PRO B 282 4.23 -8.26 -3.06
C PRO B 282 2.94 -7.57 -3.53
N GLN B 283 2.81 -6.26 -3.26
CA GLN B 283 1.59 -5.54 -3.58
C GLN B 283 1.50 -5.25 -5.07
N ILE B 284 2.61 -4.79 -5.65
CA ILE B 284 2.72 -4.68 -7.10
C ILE B 284 2.28 -6.01 -7.73
N LEU B 285 2.83 -7.11 -7.22
CA LEU B 285 2.52 -8.45 -7.70
C LEU B 285 1.03 -8.74 -7.53
N ALA B 286 0.54 -8.60 -6.31
CA ALA B 286 -0.89 -8.80 -6.01
C ALA B 286 -1.79 -7.84 -6.80
N SER B 287 -1.28 -6.66 -7.13
CA SER B 287 -2.05 -5.70 -7.95
C SER B 287 -2.16 -6.15 -9.40
N ILE B 288 -1.06 -6.63 -9.97
CA ILE B 288 -1.05 -7.08 -11.35
C ILE B 288 -1.91 -8.33 -11.52
N GLU B 289 -1.83 -9.23 -10.54
CA GLU B 289 -2.68 -10.42 -10.47
C GLU B 289 -4.15 -10.07 -10.45
N LEU B 290 -4.48 -9.08 -9.64
CA LEU B 290 -5.84 -8.55 -9.55
C LEU B 290 -6.29 -8.01 -10.91
N LEU B 291 -5.41 -7.24 -11.56
CA LEU B 291 -5.73 -6.65 -12.87
C LEU B 291 -5.66 -7.73 -13.97
N ALA B 292 -4.84 -8.76 -13.75
CA ALA B 292 -4.70 -9.88 -14.67
C ALA B 292 -6.04 -10.54 -15.00
N ARG B 293 -6.82 -10.87 -13.98
CA ARG B 293 -7.99 -11.73 -14.18
C ARG B 293 -9.20 -11.05 -14.87
N SER B 294 -9.03 -9.81 -15.33
CA SER B 294 -10.08 -9.09 -16.06
C SER B 294 -10.49 -9.81 -17.35
C28 5XJ C . -18.69 14.57 10.62
N26 5XJ C . -18.91 13.33 11.36
C29 5XJ C . -19.00 12.23 10.39
S24 5XJ C . -17.67 13.07 12.41
O25 5XJ C . -17.19 14.38 12.95
O27 5XJ C . -16.53 12.39 11.74
N7 5XJ C . -18.21 12.24 13.69
C3 5XJ C . -19.41 12.45 14.21
C2 5XJ C . -20.19 11.36 14.48
F31 5XJ C . -19.70 10.16 14.15
C4 5XJ C . -19.86 13.72 14.52
C5 5XJ C . -21.10 13.90 15.09
C6 5XJ C . -21.90 12.80 15.35
F30 5XJ C . -23.10 13.03 15.88
C1 5XJ C . -21.45 11.51 15.04
N8 5XJ C . -22.21 10.42 15.25
C9 5XJ C . -22.04 9.59 16.30
N14 5XJ C . -20.91 9.72 17.05
C13 5XJ C . -20.67 8.97 18.11
C12 5XJ C . -21.56 7.99 18.48
C11 5XJ C . -22.72 7.80 17.75
C10 5XJ C . -22.99 8.60 16.65
C15 5XJ C . -24.15 8.36 15.87
N16 5XJ C . -24.39 9.14 14.79
C17 5XJ C . -25.43 8.92 14.01
N18 5XJ C . -26.28 7.93 14.24
C19 5XJ C . -26.11 7.12 15.28
C20 5XJ C . -25.03 7.31 16.12
N23 5XJ C . -25.12 6.36 17.07
C22 5XJ C . -26.18 5.61 16.83
N21 5XJ C . -26.79 6.07 15.73
C28 5XJ D . 22.95 -13.64 -11.17
N26 5XJ D . 23.45 -13.25 -12.50
C29 5XJ D . 22.30 -13.05 -13.38
S24 5XJ D . 24.26 -11.84 -12.41
O25 5XJ D . 25.54 -12.02 -11.66
O27 5XJ D . 23.43 -10.88 -11.60
N7 5XJ D . 24.55 -11.22 -13.90
C3 5XJ D . 24.93 -11.96 -14.95
C2 5XJ D . 24.11 -12.08 -16.09
F31 5XJ D . 22.91 -11.47 -16.12
C4 5XJ D . 26.18 -12.57 -14.94
C5 5XJ D . 26.60 -13.32 -16.04
C6 5XJ D . 25.78 -13.44 -17.16
F30 5XJ D . 26.18 -14.17 -18.22
C1 5XJ D . 24.52 -12.83 -17.21
N8 5XJ D . 23.77 -12.96 -18.32
C9 5XJ D . 23.99 -12.17 -19.39
N14 5XJ D . 24.72 -11.05 -19.18
C13 5XJ D . 25.03 -10.17 -20.14
C12 5XJ D . 24.58 -10.37 -21.44
C11 5XJ D . 23.84 -11.52 -21.70
C10 5XJ D . 23.52 -12.44 -20.69
C15 5XJ D . 22.76 -13.58 -21.01
N16 5XJ D . 22.53 -14.52 -20.08
C17 5XJ D . 21.80 -15.60 -20.34
N18 5XJ D . 21.25 -15.82 -21.52
C19 5XJ D . 21.43 -14.95 -22.51
C20 5XJ D . 22.18 -13.80 -22.29
N23 5XJ D . 22.18 -13.12 -23.43
C22 5XJ D . 21.47 -13.80 -24.34
N21 5XJ D . 21.00 -14.92 -23.77
#